data_4CAY
#
_entry.id   4CAY
#
_cell.length_a   31.816
_cell.length_b   66.076
_cell.length_c   45.293
_cell.angle_alpha   90.00
_cell.angle_beta   95.76
_cell.angle_gamma   90.00
#
_symmetry.space_group_name_H-M   'P 1 21 1'
#
loop_
_entity.id
_entity.type
_entity.pdbx_description
1 polymer 'HISTONE H2A.Z'
2 polymer 'HISTONE H2B TYPE 1-J'
3 polymer 'ACIDIC LEUCINE-RICH NUCLEAR PHOSPHOPROTEIN 32 FAMILY MEMBER E'
4 water water
#
loop_
_entity_poly.entity_id
_entity_poly.type
_entity_poly.pdbx_seq_one_letter_code
_entity_poly.pdbx_strand_id
1 'polypeptide(L)'
;MSRSQRAGLQFPVGRIHRHLKSRTTSHGRVGATAAVYSAAILEYLTAEVLELAGNASKDLKVKRITPRHLQLAIRGDEEL
DSLIKATIAGGGVIPHIHKSLIGKKGQQKTV
;
A
2 'polypeptide(L)'
;MKRSRKESYSIYVYKVLKQVHPDTGISSKAMGIMNSFVNDIFERIAGEASRLAHYNKRSTITSREIQTAVRLLLPGELAK
HAVSEGTKAVTKYTSAK
;
B
3 'polypeptide(L)' GSHMEVGLSYLMKEEIQDEEDDDDYVEEGE C
#
# COMPACT_ATOMS: atom_id res chain seq x y z
N SER A 2 16.24 -2.30 -13.26
CA SER A 2 15.92 -2.83 -11.95
C SER A 2 14.65 -3.70 -12.03
N ARG A 3 14.45 -4.56 -11.02
CA ARG A 3 13.22 -5.38 -10.95
C ARG A 3 11.97 -4.49 -10.99
N SER A 4 11.95 -3.34 -10.27
CA SER A 4 10.78 -2.46 -10.31
C SER A 4 10.53 -1.94 -11.72
N GLN A 5 11.58 -1.52 -12.44
CA GLN A 5 11.40 -1.01 -13.80
C GLN A 5 10.84 -2.14 -14.70
N ARG A 6 11.41 -3.36 -14.59
CA ARG A 6 10.94 -4.53 -15.36
C ARG A 6 9.45 -4.81 -15.11
N ALA A 7 8.97 -4.53 -13.89
CA ALA A 7 7.59 -4.76 -13.50
C ALA A 7 6.68 -3.57 -13.78
N GLY A 8 7.23 -2.42 -14.24
CA GLY A 8 6.46 -1.20 -14.47
C GLY A 8 5.99 -0.53 -13.19
N LEU A 9 6.76 -0.72 -12.09
CA LEU A 9 6.40 -0.21 -10.77
C LEU A 9 7.32 0.90 -10.23
N GLN A 10 6.78 1.71 -9.29
CA GLN A 10 7.55 2.72 -8.57
C GLN A 10 8.02 2.10 -7.23
N PHE A 11 7.18 1.24 -6.62
CA PHE A 11 7.52 0.65 -5.33
C PHE A 11 8.74 -0.26 -5.41
N PRO A 12 9.49 -0.38 -4.30
CA PRO A 12 10.82 -1.02 -4.37
C PRO A 12 10.77 -2.54 -4.32
N VAL A 13 10.72 -3.16 -5.51
CA VAL A 13 10.63 -4.62 -5.56
C VAL A 13 11.78 -5.31 -4.80
N GLY A 14 13.02 -4.86 -5.04
CA GLY A 14 14.17 -5.50 -4.41
C GLY A 14 14.12 -5.45 -2.90
N ARG A 15 13.76 -4.27 -2.34
CA ARG A 15 13.71 -4.14 -0.89
C ARG A 15 12.57 -5.03 -0.32
N ILE A 16 11.43 -5.09 -1.01
CA ILE A 16 10.32 -5.94 -0.59
C ILE A 16 10.71 -7.40 -0.65
N HIS A 17 11.48 -7.78 -1.66
CA HIS A 17 11.96 -9.16 -1.78
C HIS A 17 12.86 -9.51 -0.59
N ARG A 18 13.78 -8.60 -0.22
CA ARG A 18 14.65 -8.87 0.93
C ARG A 18 13.87 -8.97 2.22
N HIS A 19 12.80 -8.16 2.36
CA HIS A 19 11.97 -8.24 3.54
C HIS A 19 11.29 -9.63 3.60
N LEU A 20 10.71 -10.09 2.48
CA LEU A 20 10.07 -11.41 2.48
C LEU A 20 11.08 -12.53 2.82
N LYS A 21 12.30 -12.42 2.31
CA LYS A 21 13.34 -13.42 2.61
C LYS A 21 13.73 -13.36 4.08
N SER A 22 13.77 -12.15 4.69
CA SER A 22 14.15 -11.99 6.10
CA SER A 22 14.14 -11.98 6.10
C SER A 22 13.21 -12.76 7.03
N ARG A 23 11.94 -12.92 6.64
CA ARG A 23 10.92 -13.66 7.35
C ARG A 23 11.08 -15.14 6.96
N GLY A 28 13.31 -21.47 2.77
CA GLY A 28 12.41 -21.60 1.64
C GLY A 28 12.71 -20.64 0.50
N ARG A 29 12.43 -21.05 -0.72
CA ARG A 29 12.63 -20.25 -1.91
C ARG A 29 11.56 -19.14 -1.89
N VAL A 30 11.96 -17.85 -2.05
CA VAL A 30 11.01 -16.75 -2.14
C VAL A 30 11.18 -16.19 -3.55
N GLY A 31 10.20 -16.44 -4.42
CA GLY A 31 10.33 -15.96 -5.80
C GLY A 31 10.30 -14.44 -5.88
N ALA A 32 11.05 -13.86 -6.81
CA ALA A 32 10.99 -12.44 -7.09
C ALA A 32 9.57 -12.06 -7.48
N THR A 33 8.81 -13.00 -8.10
CA THR A 33 7.41 -12.64 -8.43
C THR A 33 6.58 -12.35 -7.20
N ALA A 34 6.91 -12.94 -6.04
CA ALA A 34 6.13 -12.61 -4.83
C ALA A 34 6.40 -11.16 -4.45
N ALA A 35 7.63 -10.69 -4.62
CA ALA A 35 7.97 -9.29 -4.30
C ALA A 35 7.34 -8.37 -5.34
N VAL A 36 7.35 -8.75 -6.64
CA VAL A 36 6.73 -7.91 -7.66
C VAL A 36 5.23 -7.77 -7.35
N TYR A 37 4.55 -8.89 -7.08
CA TYR A 37 3.11 -8.85 -6.86
C TYR A 37 2.83 -8.01 -5.63
N SER A 38 3.61 -8.21 -4.53
CA SER A 38 3.41 -7.41 -3.30
C SER A 38 3.60 -5.92 -3.60
N ALA A 39 4.67 -5.54 -4.32
CA ALA A 39 4.91 -4.12 -4.61
C ALA A 39 3.75 -3.57 -5.43
N ALA A 40 3.23 -4.35 -6.37
CA ALA A 40 2.13 -3.85 -7.19
C ALA A 40 0.86 -3.59 -6.38
N ILE A 41 0.55 -4.46 -5.42
CA ILE A 41 -0.67 -4.24 -4.65
C ILE A 41 -0.49 -3.05 -3.70
N LEU A 42 0.70 -2.88 -3.12
CA LEU A 42 0.93 -1.72 -2.22
C LEU A 42 0.88 -0.45 -3.01
N GLU A 43 1.43 -0.44 -4.24
CA GLU A 43 1.42 0.77 -5.08
C GLU A 43 -0.02 1.10 -5.51
N TYR A 44 -0.82 0.06 -5.84
CA TYR A 44 -2.21 0.25 -6.21
C TYR A 44 -3.00 0.88 -5.07
N LEU A 45 -2.90 0.30 -3.87
CA LEU A 45 -3.65 0.83 -2.72
C LEU A 45 -3.21 2.25 -2.38
N THR A 46 -1.91 2.52 -2.44
CA THR A 46 -1.37 3.87 -2.19
C THR A 46 -1.96 4.84 -3.20
N ALA A 47 -1.97 4.48 -4.50
CA ALA A 47 -2.50 5.39 -5.49
C ALA A 47 -3.97 5.65 -5.28
N GLU A 48 -4.76 4.62 -4.89
CA GLU A 48 -6.19 4.85 -4.68
C GLU A 48 -6.41 5.78 -3.47
N VAL A 49 -5.65 5.56 -2.38
CA VAL A 49 -5.84 6.41 -1.18
C VAL A 49 -5.41 7.85 -1.45
N LEU A 50 -4.24 8.00 -2.06
CA LEU A 50 -3.75 9.37 -2.33
C LEU A 50 -4.64 10.09 -3.30
N GLU A 51 -5.14 9.37 -4.35
CA GLU A 51 -6.00 10.09 -5.29
C GLU A 51 -7.28 10.61 -4.64
N LEU A 52 -7.95 9.74 -3.85
CA LEU A 52 -9.19 10.15 -3.18
C LEU A 52 -8.90 11.26 -2.14
N ALA A 53 -7.80 11.15 -1.36
CA ALA A 53 -7.46 12.19 -0.38
C ALA A 53 -7.11 13.50 -1.08
N GLY A 54 -6.38 13.43 -2.19
CA GLY A 54 -6.05 14.64 -2.96
C GLY A 54 -7.27 15.29 -3.58
N ASN A 55 -8.29 14.48 -3.94
CA ASN A 55 -9.53 15.06 -4.46
C ASN A 55 -10.29 15.75 -3.33
N ALA A 56 -10.22 15.19 -2.07
CA ALA A 56 -10.84 15.85 -0.91
C ALA A 56 -10.12 17.18 -0.65
N SER A 57 -8.77 17.22 -0.80
CA SER A 57 -8.03 18.47 -0.60
CA SER A 57 -7.99 18.45 -0.62
C SER A 57 -8.44 19.50 -1.62
N LYS A 58 -8.59 19.09 -2.90
CA LYS A 58 -8.98 19.99 -3.99
CA LYS A 58 -8.99 19.97 -4.02
C LYS A 58 -10.38 20.55 -3.78
N ASP A 59 -11.34 19.68 -3.37
CA ASP A 59 -12.73 20.10 -3.10
C ASP A 59 -12.77 21.13 -1.97
N LEU A 60 -11.82 21.04 -1.03
CA LEU A 60 -11.71 21.97 0.11
C LEU A 60 -10.89 23.22 -0.21
N LYS A 61 -10.47 23.33 -1.47
CA LYS A 61 -9.69 24.45 -2.01
C LYS A 61 -8.36 24.71 -1.29
N VAL A 62 -7.69 23.63 -0.93
CA VAL A 62 -6.35 23.64 -0.33
C VAL A 62 -5.39 22.93 -1.29
N LYS A 63 -4.08 23.09 -1.08
CA LYS A 63 -3.02 22.60 -1.98
C LYS A 63 -2.22 21.40 -1.51
N ARG A 64 -2.62 20.78 -0.39
CA ARG A 64 -1.91 19.62 0.13
C ARG A 64 -2.85 18.67 0.83
N ILE A 65 -2.43 17.43 0.94
CA ILE A 65 -3.16 16.39 1.67
C ILE A 65 -2.73 16.43 3.13
N THR A 66 -3.72 16.45 4.03
CA THR A 66 -3.48 16.42 5.46
C THR A 66 -4.12 15.17 6.04
N PRO A 67 -3.86 14.78 7.32
CA PRO A 67 -4.54 13.58 7.89
C PRO A 67 -6.06 13.65 7.79
N ARG A 68 -6.68 14.86 7.95
CA ARG A 68 -8.14 14.91 7.83
C ARG A 68 -8.59 14.48 6.42
N HIS A 69 -7.84 14.87 5.37
CA HIS A 69 -8.21 14.46 4.00
C HIS A 69 -8.08 12.95 3.83
N LEU A 70 -7.02 12.34 4.43
CA LEU A 70 -6.89 10.89 4.40
C LEU A 70 -8.10 10.27 5.10
N GLN A 71 -8.51 10.84 6.24
CA GLN A 71 -9.68 10.30 6.95
C GLN A 71 -10.94 10.45 6.14
N LEU A 72 -11.12 11.61 5.46
CA LEU A 72 -12.33 11.79 4.62
C LEU A 72 -12.35 10.82 3.47
N ALA A 73 -11.18 10.56 2.87
CA ALA A 73 -11.07 9.59 1.79
C ALA A 73 -11.51 8.21 2.25
N ILE A 74 -10.90 7.70 3.31
CA ILE A 74 -11.19 6.35 3.80
C ILE A 74 -12.65 6.23 4.23
N ARG A 75 -13.21 7.25 4.91
CA ARG A 75 -14.61 7.20 5.35
C ARG A 75 -15.62 7.21 4.22
N GLY A 76 -15.23 7.76 3.08
CA GLY A 76 -16.10 7.85 1.92
C GLY A 76 -16.05 6.66 0.98
N ASP A 77 -15.31 5.61 1.36
CA ASP A 77 -15.14 4.43 0.51
C ASP A 77 -15.29 3.23 1.43
N GLU A 78 -16.40 2.48 1.27
CA GLU A 78 -16.65 1.39 2.20
CA GLU A 78 -16.67 1.37 2.17
C GLU A 78 -15.52 0.36 2.21
N GLU A 79 -14.93 0.08 1.05
CA GLU A 79 -13.85 -0.92 0.99
C GLU A 79 -12.58 -0.45 1.64
N LEU A 80 -12.18 0.80 1.42
CA LEU A 80 -10.99 1.31 2.10
C LEU A 80 -11.26 1.40 3.62
N ASP A 81 -12.47 1.80 4.02
CA ASP A 81 -12.80 1.90 5.45
C ASP A 81 -12.69 0.52 6.07
N SER A 82 -13.26 -0.51 5.40
CA SER A 82 -13.19 -1.88 5.89
CA SER A 82 -13.19 -1.89 5.90
CA SER A 82 -13.18 -1.85 5.97
C SER A 82 -11.75 -2.38 6.02
N LEU A 83 -10.94 -2.10 4.99
CA LEU A 83 -9.56 -2.54 5.00
C LEU A 83 -8.80 -1.89 6.16
N ILE A 84 -8.96 -0.57 6.36
CA ILE A 84 -8.24 0.11 7.44
C ILE A 84 -8.75 -0.39 8.79
N LYS A 85 -10.09 -0.54 8.95
CA LYS A 85 -10.64 -1.04 10.22
C LYS A 85 -10.05 -2.41 10.58
N ALA A 86 -10.01 -3.34 9.61
CA ALA A 86 -9.51 -4.68 9.87
C ALA A 86 -8.02 -4.65 10.13
N THR A 87 -7.28 -3.75 9.49
CA THR A 87 -5.83 -3.65 9.69
C THR A 87 -5.56 -3.16 11.11
N ILE A 88 -6.32 -2.13 11.55
CA ILE A 88 -6.17 -1.61 12.93
C ILE A 88 -6.56 -2.69 13.95
N ALA A 89 -7.63 -3.47 13.65
CA ALA A 89 -8.11 -4.51 14.56
C ALA A 89 -7.09 -5.63 14.74
N GLY A 90 -6.47 -6.02 13.62
CA GLY A 90 -5.50 -7.10 13.54
C GLY A 90 -6.10 -8.29 12.80
N GLY A 91 -7.03 -8.01 11.87
CA GLY A 91 -7.72 -9.00 11.04
C GLY A 91 -8.54 -10.00 11.83
N LYS B 6 9.76 -2.34 10.31
CA LYS B 6 9.29 -1.14 9.63
C LYS B 6 10.37 -0.60 8.68
N GLU B 7 9.94 -0.11 7.51
CA GLU B 7 10.82 0.47 6.50
C GLU B 7 10.24 1.82 6.07
N SER B 8 11.08 2.74 5.54
CA SER B 8 10.56 4.02 5.09
C SER B 8 10.08 3.88 3.66
N TYR B 9 8.81 4.24 3.39
CA TYR B 9 8.29 4.19 2.02
C TYR B 9 7.93 5.60 1.53
N SER B 10 8.30 6.64 2.30
CA SER B 10 7.97 8.02 1.92
CA SER B 10 7.95 8.02 1.91
C SER B 10 8.34 8.40 0.48
N ILE B 11 9.55 8.04 0.03
CA ILE B 11 9.92 8.43 -1.33
C ILE B 11 8.98 7.82 -2.38
N TYR B 12 8.53 6.57 -2.14
CA TYR B 12 7.66 5.86 -3.07
C TYR B 12 6.24 6.42 -2.98
N VAL B 13 5.75 6.68 -1.76
CA VAL B 13 4.44 7.30 -1.59
C VAL B 13 4.43 8.64 -2.33
N TYR B 14 5.53 9.43 -2.18
CA TYR B 14 5.60 10.71 -2.87
C TYR B 14 5.61 10.57 -4.40
N LYS B 15 6.34 9.56 -4.94
CA LYS B 15 6.35 9.35 -6.40
C LYS B 15 4.92 9.07 -6.91
N VAL B 16 4.16 8.25 -6.17
CA VAL B 16 2.80 7.95 -6.58
C VAL B 16 1.92 9.19 -6.46
N LEU B 17 2.12 10.03 -5.39
CA LEU B 17 1.34 11.25 -5.29
C LEU B 17 1.55 12.12 -6.54
N LYS B 18 2.81 12.23 -7.03
CA LYS B 18 3.09 13.02 -8.24
C LYS B 18 2.43 12.49 -9.50
N GLN B 19 2.16 11.18 -9.54
CA GLN B 19 1.48 10.56 -10.69
C GLN B 19 0.01 10.94 -10.65
N VAL B 20 -0.61 10.86 -9.46
CA VAL B 20 -2.05 11.07 -9.35
C VAL B 20 -2.49 12.49 -9.17
N HIS B 21 -1.66 13.32 -8.51
CA HIS B 21 -2.01 14.72 -8.27
C HIS B 21 -0.72 15.50 -8.40
N PRO B 22 -0.28 15.76 -9.67
CA PRO B 22 1.04 16.37 -9.89
C PRO B 22 1.35 17.63 -9.09
N ASP B 23 0.35 18.47 -8.86
CA ASP B 23 0.57 19.76 -8.20
C ASP B 23 0.14 19.83 -6.73
N THR B 24 -0.12 18.68 -6.11
CA THR B 24 -0.59 18.55 -4.73
C THR B 24 0.52 18.10 -3.79
N GLY B 25 0.63 18.77 -2.65
CA GLY B 25 1.60 18.39 -1.63
C GLY B 25 1.03 17.41 -0.64
N ILE B 26 1.80 17.12 0.40
CA ILE B 26 1.37 16.26 1.50
C ILE B 26 2.03 16.72 2.78
N SER B 27 1.27 16.78 3.89
CA SER B 27 1.83 17.22 5.17
C SER B 27 2.70 16.10 5.77
N SER B 28 3.57 16.45 6.75
CA SER B 28 4.45 15.49 7.40
C SER B 28 3.66 14.38 8.11
N LYS B 29 2.59 14.76 8.84
CA LYS B 29 1.78 13.80 9.58
C LYS B 29 1.01 12.89 8.59
N ALA B 30 0.51 13.44 7.48
CA ALA B 30 -0.20 12.62 6.46
C ALA B 30 0.81 11.65 5.84
N MET B 31 2.05 12.08 5.61
CA MET B 31 3.03 11.14 5.08
C MET B 31 3.35 10.05 6.11
N GLY B 32 3.40 10.41 7.41
CA GLY B 32 3.64 9.39 8.44
C GLY B 32 2.52 8.35 8.45
N ILE B 33 1.29 8.81 8.29
CA ILE B 33 0.15 7.89 8.25
C ILE B 33 0.28 7.01 7.01
N MET B 34 0.68 7.58 5.86
CA MET B 34 0.81 6.75 4.66
C MET B 34 1.91 5.71 4.82
N ASN B 35 3.01 6.08 5.51
CA ASN B 35 4.05 5.09 5.72
C ASN B 35 3.53 3.97 6.62
N SER B 36 2.72 4.32 7.64
CA SER B 36 2.11 3.27 8.49
C SER B 36 1.15 2.42 7.68
N PHE B 37 0.43 3.02 6.75
CA PHE B 37 -0.49 2.30 5.90
C PHE B 37 0.26 1.26 5.10
N VAL B 38 1.35 1.67 4.42
CA VAL B 38 2.08 0.73 3.59
C VAL B 38 2.67 -0.38 4.47
N ASN B 39 3.34 0.00 5.57
CA ASN B 39 3.96 -1.02 6.40
C ASN B 39 2.93 -1.98 7.00
N ASP B 40 1.81 -1.45 7.52
CA ASP B 40 0.83 -2.32 8.18
C ASP B 40 0.12 -3.24 7.17
N ILE B 41 -0.22 -2.73 5.96
CA ILE B 41 -0.85 -3.62 4.98
C ILE B 41 0.16 -4.64 4.51
N PHE B 42 1.41 -4.24 4.28
CA PHE B 42 2.40 -5.20 3.84
C PHE B 42 2.62 -6.27 4.92
N GLU B 43 2.63 -5.88 6.21
CA GLU B 43 2.79 -6.89 7.26
C GLU B 43 1.64 -7.93 7.20
N ARG B 44 0.41 -7.48 6.94
CA ARG B 44 -0.71 -8.42 6.85
C ARG B 44 -0.56 -9.33 5.62
N ILE B 45 -0.20 -8.78 4.46
CA ILE B 45 0.03 -9.57 3.24
CA ILE B 45 -0.04 -9.63 3.29
C ILE B 45 1.14 -10.60 3.48
N ALA B 46 2.29 -10.11 3.96
CA ALA B 46 3.45 -10.98 4.19
C ALA B 46 3.13 -12.07 5.21
N GLY B 47 2.41 -11.74 6.28
CA GLY B 47 2.04 -12.72 7.28
C GLY B 47 1.12 -13.80 6.74
N GLU B 48 0.14 -13.42 5.93
CA GLU B 48 -0.77 -14.41 5.36
C GLU B 48 -0.03 -15.28 4.33
N ALA B 49 0.84 -14.65 3.52
CA ALA B 49 1.63 -15.43 2.56
C ALA B 49 2.54 -16.42 3.29
N SER B 50 3.11 -16.03 4.45
CA SER B 50 3.98 -16.89 5.24
C SER B 50 3.19 -18.06 5.82
N ARG B 51 1.96 -17.78 6.25
CA ARG B 51 1.11 -18.83 6.81
C ARG B 51 0.83 -19.85 5.68
N LEU B 52 0.49 -19.36 4.48
CA LEU B 52 0.22 -20.28 3.37
C LEU B 52 1.47 -21.04 2.97
N ALA B 53 2.64 -20.40 3.00
CA ALA B 53 3.86 -21.08 2.63
C ALA B 53 4.25 -22.13 3.63
N HIS B 54 3.78 -21.99 4.89
CA HIS B 54 4.11 -22.97 5.93
C HIS B 54 3.49 -24.33 5.55
N TYR B 55 2.43 -24.33 4.73
CA TYR B 55 1.79 -25.57 4.28
C TYR B 55 2.54 -26.23 3.09
N ASN B 56 3.51 -25.51 2.48
CA ASN B 56 4.24 -26.01 1.32
C ASN B 56 5.39 -26.87 1.76
N LYS B 57 5.64 -27.97 1.04
CA LYS B 57 6.65 -28.96 1.40
C LYS B 57 8.00 -28.34 1.78
N ARG B 58 8.50 -27.40 0.95
CA ARG B 58 9.78 -26.74 1.19
CA ARG B 58 9.77 -26.73 1.20
C ARG B 58 9.56 -25.24 1.45
N SER B 59 8.35 -24.88 1.90
CA SER B 59 7.98 -23.52 2.25
C SER B 59 8.16 -22.52 1.11
N THR B 60 7.99 -22.96 -0.16
CA THR B 60 8.13 -22.00 -1.25
C THR B 60 7.09 -20.89 -1.20
N ILE B 61 7.50 -19.67 -1.58
CA ILE B 61 6.58 -18.51 -1.67
CA ILE B 61 6.56 -18.58 -1.66
C ILE B 61 6.74 -17.95 -3.06
N THR B 62 5.66 -17.88 -3.81
CA THR B 62 5.66 -17.29 -5.13
C THR B 62 4.49 -16.33 -5.23
N SER B 63 4.19 -15.82 -6.43
CA SER B 63 3.08 -14.87 -6.50
C SER B 63 1.75 -15.49 -6.09
N ARG B 64 1.61 -16.84 -6.20
CA ARG B 64 0.34 -17.45 -5.80
C ARG B 64 0.02 -17.17 -4.34
N GLU B 65 1.02 -17.24 -3.46
CA GLU B 65 0.71 -17.05 -2.04
C GLU B 65 0.34 -15.61 -1.79
N ILE B 66 0.94 -14.64 -2.56
CA ILE B 66 0.57 -13.25 -2.39
C ILE B 66 -0.84 -13.02 -2.94
N GLN B 67 -1.15 -13.60 -4.08
CA GLN B 67 -2.50 -13.46 -4.66
C GLN B 67 -3.56 -14.02 -3.71
N THR B 68 -3.30 -15.19 -3.11
CA THR B 68 -4.28 -15.78 -2.20
C THR B 68 -4.40 -14.94 -0.96
N ALA B 69 -3.31 -14.34 -0.48
CA ALA B 69 -3.38 -13.45 0.68
C ALA B 69 -4.21 -12.22 0.34
N VAL B 70 -3.99 -11.65 -0.85
CA VAL B 70 -4.75 -10.45 -1.25
C VAL B 70 -6.23 -10.75 -1.30
N ARG B 71 -6.61 -11.89 -1.84
CA ARG B 71 -8.04 -12.24 -1.93
C ARG B 71 -8.65 -12.41 -0.58
N LEU B 72 -7.88 -12.93 0.38
CA LEU B 72 -8.40 -13.12 1.74
C LEU B 72 -8.54 -11.77 2.47
N LEU B 73 -7.55 -10.87 2.29
CA LEU B 73 -7.42 -9.62 3.03
C LEU B 73 -8.12 -8.39 2.49
N LEU B 74 -8.24 -8.27 1.17
CA LEU B 74 -8.83 -7.06 0.60
C LEU B 74 -10.29 -7.31 0.26
N PRO B 75 -11.16 -6.36 0.62
CA PRO B 75 -12.58 -6.54 0.30
C PRO B 75 -12.89 -6.38 -1.20
N GLY B 76 -13.93 -7.08 -1.63
CA GLY B 76 -14.56 -6.99 -2.95
C GLY B 76 -13.77 -6.45 -4.13
N GLU B 77 -14.13 -5.25 -4.61
CA GLU B 77 -13.50 -4.67 -5.81
C GLU B 77 -12.06 -4.29 -5.63
N LEU B 78 -11.63 -3.85 -4.42
CA LEU B 78 -10.21 -3.56 -4.22
C LEU B 78 -9.45 -4.83 -4.53
N ALA B 79 -9.94 -5.99 -4.03
CA ALA B 79 -9.19 -7.23 -4.28
C ALA B 79 -9.12 -7.51 -5.78
N LYS B 80 -10.24 -7.36 -6.48
CA LYS B 80 -10.26 -7.61 -7.93
C LYS B 80 -9.25 -6.72 -8.67
N HIS B 81 -9.22 -5.42 -8.35
CA HIS B 81 -8.25 -4.53 -8.97
C HIS B 81 -6.83 -4.82 -8.57
N ALA B 82 -6.60 -5.11 -7.28
CA ALA B 82 -5.25 -5.44 -6.81
C ALA B 82 -4.74 -6.69 -7.50
N VAL B 83 -5.59 -7.71 -7.62
CA VAL B 83 -5.17 -8.95 -8.31
C VAL B 83 -4.79 -8.64 -9.77
N SER B 84 -5.59 -7.79 -10.44
CA SER B 84 -5.29 -7.41 -11.80
CA SER B 84 -5.31 -7.40 -11.81
C SER B 84 -3.96 -6.70 -11.87
N GLU B 85 -3.70 -5.76 -10.92
CA GLU B 85 -2.41 -5.06 -10.91
C GLU B 85 -1.23 -6.00 -10.63
N GLY B 86 -1.39 -6.90 -9.64
CA GLY B 86 -0.30 -7.82 -9.37
C GLY B 86 0.02 -8.75 -10.54
N THR B 87 -1.05 -9.31 -11.15
CA THR B 87 -0.88 -10.23 -12.28
C THR B 87 -0.21 -9.52 -13.45
N LYS B 88 -0.65 -8.28 -13.76
CA LYS B 88 -0.05 -7.49 -14.86
C LYS B 88 1.43 -7.22 -14.58
N ALA B 89 1.79 -6.90 -13.31
CA ALA B 89 3.18 -6.59 -12.98
C ALA B 89 4.04 -7.86 -13.16
N VAL B 90 3.55 -9.02 -12.69
CA VAL B 90 4.33 -10.24 -12.83
C VAL B 90 4.50 -10.60 -14.34
N THR B 91 3.43 -10.43 -15.14
CA THR B 91 3.53 -10.71 -16.58
C THR B 91 4.57 -9.85 -17.24
N LYS B 92 4.62 -8.55 -16.86
CA LYS B 92 5.61 -7.63 -17.42
CA LYS B 92 5.60 -7.63 -17.40
C LYS B 92 7.01 -8.09 -17.00
N TYR B 93 7.18 -8.40 -15.70
CA TYR B 93 8.44 -8.80 -15.16
C TYR B 93 9.03 -10.03 -15.83
N THR B 94 8.22 -11.06 -16.04
CA THR B 94 8.78 -12.29 -16.64
C THR B 94 9.07 -12.16 -18.14
N SER B 95 8.42 -11.20 -18.82
CA SER B 95 8.56 -10.95 -20.25
C SER B 95 9.74 -10.04 -20.57
N ALA B 96 10.28 -9.32 -19.56
CA ALA B 96 11.31 -8.28 -19.70
C ALA B 96 12.63 -8.52 -18.99
N LYS B 97 13.67 -7.79 -19.44
CA LYS B 97 15.01 -7.82 -18.86
C LYS B 97 15.59 -6.40 -18.84
N GLU C 5 6.65 10.10 13.06
CA GLU C 5 5.97 8.81 13.13
C GLU C 5 4.52 8.98 13.59
N VAL C 6 3.55 8.45 12.82
CA VAL C 6 2.12 8.56 13.14
C VAL C 6 1.50 7.20 12.80
N GLY C 7 0.84 6.58 13.76
CA GLY C 7 0.22 5.29 13.58
C GLY C 7 -0.99 5.31 12.66
N LEU C 8 -1.28 4.19 12.01
CA LEU C 8 -2.45 4.09 11.17
C LEU C 8 -3.72 4.31 12.00
N SER C 9 -3.72 3.86 13.29
CA SER C 9 -4.88 4.05 14.17
C SER C 9 -5.28 5.51 14.34
N TYR C 10 -4.40 6.47 13.95
CA TYR C 10 -4.74 7.88 14.00
C TYR C 10 -6.01 8.16 13.20
N LEU C 11 -6.21 7.40 12.10
CA LEU C 11 -7.35 7.47 11.21
C LEU C 11 -8.64 7.03 11.89
N MET C 12 -8.56 6.32 13.00
CA MET C 12 -9.82 5.92 13.61
C MET C 12 -10.23 6.73 14.82
N LYS C 13 -9.62 7.92 14.98
CA LYS C 13 -10.05 8.89 15.99
C LYS C 13 -11.40 9.39 15.50
N GLU C 14 -12.32 9.69 16.41
CA GLU C 14 -13.66 10.19 16.10
C GLU C 14 -13.63 11.28 15.01
N GLU C 15 -12.82 12.31 15.21
CA GLU C 15 -12.67 13.36 14.20
C GLU C 15 -11.30 13.97 14.32
N ILE C 16 -10.50 13.85 13.27
CA ILE C 16 -9.16 14.43 13.27
C ILE C 16 -9.27 15.95 13.09
N GLN C 17 -8.63 16.70 14.00
CA GLN C 17 -8.51 18.14 13.92
C GLN C 17 -7.09 18.35 13.41
N ASP C 18 -6.95 18.91 12.19
CA ASP C 18 -5.63 19.12 11.59
C ASP C 18 -4.79 20.08 12.41
N GLU C 19 -3.54 19.69 12.64
CA GLU C 19 -2.57 20.47 13.40
C GLU C 19 -2.08 21.61 12.53
N GLU C 20 -2.05 22.81 13.10
CA GLU C 20 -1.60 24.03 12.40
C GLU C 20 -0.14 23.92 12.00
N ASP C 21 0.68 23.29 12.87
CA ASP C 21 2.14 23.09 12.71
C ASP C 21 2.53 21.86 11.99
N ASP C 22 1.59 21.25 11.34
CA ASP C 22 1.85 20.08 10.53
C ASP C 22 2.66 20.58 9.32
N ASP C 23 3.98 20.48 9.42
CA ASP C 23 4.89 20.95 8.38
C ASP C 23 4.69 20.17 7.08
N ASP C 24 5.17 20.73 5.98
CA ASP C 24 5.07 20.09 4.67
C ASP C 24 6.11 18.98 4.55
N TYR C 25 5.72 17.84 3.94
CA TYR C 25 6.70 16.82 3.66
C TYR C 25 7.58 17.40 2.55
N VAL C 26 8.88 17.24 2.69
CA VAL C 26 9.81 17.76 1.68
C VAL C 26 10.52 16.62 0.97
N GLU C 27 10.37 16.57 -0.37
CA GLU C 27 10.93 15.58 -1.29
C GLU C 27 12.46 15.45 -1.13
#